data_5QGN
#
_entry.id   5QGN
#
_cell.length_a   126.179
_cell.length_b   126.179
_cell.length_c   41.665
_cell.angle_alpha   90.000
_cell.angle_beta   90.000
_cell.angle_gamma   120.000
#
_symmetry.space_group_name_H-M   'P 3 2 1'
#
loop_
_entity.id
_entity.type
_entity.pdbx_description
1 polymer 'Peroxisomal coenzyme A diphosphatase NUDT7'
2 non-polymer 'ACETATE ION'
3 non-polymer 'DIMETHYL SULFOXIDE'
4 non-polymer '3-borono-5-{[(thiophen-2-yl)acetyl]amino}benzoic acid'
5 water water
#
_entity_poly.entity_id   1
_entity_poly.type   'polypeptide(L)'
_entity_poly.pdbx_seq_one_letter_code
;SMLDDAKARLRKYDIGGKYSHLPYNKYSVLLPLVAKEGKLHLLFTVRSEKLRRAPGEVCFPGGKRDPTDMDDAATALREA
QEEVGLR(HYP)HQVEVV(CSO)CLVPCLIDTDTLITPFVGLIDHNFQAQPNPAEVKDVFLVPLAYFLHPQVHDQHYVTR
LGHRFINHIFEYTNPEDGVTYQIKGMTANLAVLVAFIILEKKPT
;
_entity_poly.pdbx_strand_id   A
#
loop_
_chem_comp.id
_chem_comp.type
_chem_comp.name
_chem_comp.formula
ACT non-polymer 'ACETATE ION' 'C2 H3 O2 -1'
DMS non-polymer 'DIMETHYL SULFOXIDE' 'C2 H6 O S'
H4D non-polymer '3-borono-5-{[(thiophen-2-yl)acetyl]amino}benzoic acid' 'C13 H12 B N O5 S'
#
# COMPACT_ATOMS: atom_id res chain seq x y z
N SER A 1 1.38 10.43 20.68
CA SER A 1 0.45 10.89 19.60
C SER A 1 0.05 9.69 18.71
N MET A 2 -1.01 9.86 17.93
CA MET A 2 -1.49 8.86 16.96
C MET A 2 -0.38 8.40 16.00
N LEU A 3 0.46 9.33 15.53
CA LEU A 3 1.46 8.96 14.51
C LEU A 3 2.68 8.30 15.15
N ASP A 4 3.06 8.76 16.34
CA ASP A 4 4.17 8.18 17.08
C ASP A 4 3.87 6.75 17.53
N ASP A 5 2.64 6.56 18.00
CA ASP A 5 2.12 5.26 18.40
C ASP A 5 2.08 4.25 17.19
N ALA A 6 1.62 4.71 16.03
CA ALA A 6 1.66 3.90 14.76
C ALA A 6 3.06 3.47 14.34
N LYS A 7 3.99 4.40 14.28
CA LYS A 7 5.38 4.08 13.93
C LYS A 7 6.03 3.09 14.93
N ALA A 8 5.80 3.27 16.21
CA ALA A 8 6.38 2.37 17.22
C ALA A 8 5.82 0.92 17.08
N ARG A 9 4.52 0.80 16.83
CA ARG A 9 3.89 -0.52 16.52
C ARG A 9 4.53 -1.16 15.28
N LEU A 10 4.57 -0.39 14.18
CA LEU A 10 5.14 -0.86 12.91
C LEU A 10 6.59 -1.32 13.01
N ARG A 11 7.40 -0.62 13.77
CA ARG A 11 8.80 -1.01 13.91
C ARG A 11 9.01 -2.41 14.53
N LYS A 12 8.07 -2.88 15.35
CA LYS A 12 8.16 -4.24 15.91
C LYS A 12 8.02 -5.36 14.88
N TYR A 13 7.52 -5.07 13.67
CA TYR A 13 7.31 -6.06 12.64
C TYR A 13 8.27 -5.91 11.48
N ASP A 14 9.22 -4.99 11.60
CA ASP A 14 10.21 -4.68 10.57
C ASP A 14 11.17 -5.87 10.42
N ILE A 15 11.29 -6.39 9.21
CA ILE A 15 12.33 -7.38 9.01
C ILE A 15 13.59 -6.81 8.38
N GLY A 16 13.59 -5.50 8.07
CA GLY A 16 14.73 -4.83 7.39
C GLY A 16 15.15 -5.47 6.06
N GLY A 17 16.46 -5.64 5.89
CA GLY A 17 17.02 -6.15 4.65
C GLY A 17 17.28 -7.66 4.62
N LYS A 18 16.77 -8.38 5.62
CA LYS A 18 17.04 -9.81 5.81
C LYS A 18 16.86 -10.68 4.52
N TYR A 19 15.77 -10.46 3.75
CA TYR A 19 15.48 -11.21 2.51
C TYR A 19 15.87 -10.50 1.16
N SER A 20 16.45 -9.31 1.28
CA SER A 20 16.69 -8.44 0.13
C SER A 20 17.79 -8.88 -0.85
N HIS A 21 18.70 -9.77 -0.45
CA HIS A 21 19.79 -10.18 -1.36
C HIS A 21 19.56 -11.49 -2.13
N LEU A 22 18.44 -12.19 -1.88
CA LEU A 22 18.14 -13.44 -2.54
C LEU A 22 17.92 -13.29 -4.05
N PRO A 23 18.30 -14.32 -4.85
CA PRO A 23 18.30 -14.12 -6.34
C PRO A 23 16.93 -14.27 -7.06
N TYR A 24 15.99 -13.39 -6.70
CA TYR A 24 14.66 -13.38 -7.27
C TYR A 24 14.50 -12.26 -8.32
N ASN A 25 13.48 -12.35 -9.16
CA ASN A 25 12.88 -11.18 -9.83
C ASN A 25 12.17 -10.31 -8.77
N LYS A 26 12.58 -9.05 -8.65
CA LYS A 26 12.28 -8.21 -7.48
C LYS A 26 11.32 -7.06 -7.81
N TYR A 27 10.25 -6.96 -7.01
CA TYR A 27 9.28 -5.83 -7.08
C TYR A 27 9.11 -5.30 -5.67
N SER A 28 8.82 -3.99 -5.55
CA SER A 28 8.48 -3.37 -4.26
C SER A 28 7.13 -2.64 -4.35
N VAL A 29 6.41 -2.59 -3.22
CA VAL A 29 5.17 -1.83 -3.09
C VAL A 29 5.25 -0.89 -1.92
N LEU A 30 4.57 0.28 -2.05
CA LEU A 30 4.46 1.26 -0.97
C LEU A 30 3.03 1.22 -0.41
N LEU A 31 2.92 1.00 0.90
CA LEU A 31 1.65 0.99 1.63
C LEU A 31 1.55 2.40 2.30
N PRO A 32 0.85 3.35 1.65
CA PRO A 32 0.98 4.76 2.07
C PRO A 32 -0.07 5.14 3.13
N LEU A 33 0.36 5.54 4.32
CA LEU A 33 -0.55 5.87 5.44
C LEU A 33 -0.79 7.41 5.45
N VAL A 34 -2.04 7.80 5.44
CA VAL A 34 -2.45 9.22 5.37
C VAL A 34 -3.35 9.50 6.56
N ALA A 35 -3.04 10.56 7.31
CA ALA A 35 -3.88 10.98 8.45
C ALA A 35 -4.88 12.04 8.00
N LYS A 36 -6.18 11.77 8.14
CA LYS A 36 -7.28 12.71 7.75
C LYS A 36 -8.37 12.65 8.80
N GLU A 37 -8.86 13.82 9.22
CA GLU A 37 -10.01 13.92 10.12
C GLU A 37 -9.83 13.11 11.37
N GLY A 38 -8.63 13.15 11.91
CA GLY A 38 -8.30 12.46 13.13
C GLY A 38 -7.97 10.98 13.02
N LYS A 39 -7.97 10.39 11.82
CA LYS A 39 -7.84 8.94 11.67
C LYS A 39 -6.84 8.57 10.56
N LEU A 40 -6.26 7.38 10.68
CA LEU A 40 -5.34 6.85 9.63
C LEU A 40 -6.10 6.18 8.50
N HIS A 41 -5.61 6.38 7.27
CA HIS A 41 -6.18 5.87 6.04
C HIS A 41 -5.04 5.20 5.24
N LEU A 42 -5.38 4.26 4.36
CA LEU A 42 -4.43 3.77 3.34
C LEU A 42 -4.83 4.35 1.98
N LEU A 43 -3.83 4.72 1.19
CA LEU A 43 -4.02 5.19 -0.19
C LEU A 43 -3.85 4.02 -1.17
N PHE A 44 -4.81 3.89 -2.08
CA PHE A 44 -4.82 2.90 -3.15
C PHE A 44 -4.91 3.55 -4.54
N THR A 45 -4.42 2.82 -5.55
CA THR A 45 -4.53 3.20 -6.97
C THR A 45 -5.47 2.25 -7.69
N VAL A 46 -6.27 2.77 -8.62
CA VAL A 46 -6.92 1.97 -9.60
C VAL A 46 -6.05 1.98 -10.85
N ARG A 47 -5.68 0.79 -11.30
CA ARG A 47 -4.80 0.63 -12.46
C ARG A 47 -5.52 1.08 -13.75
N SER A 48 -4.77 1.73 -14.62
CA SER A 48 -5.23 2.13 -15.95
C SER A 48 -5.82 0.97 -16.73
N GLU A 49 -6.94 1.20 -17.43
CA GLU A 49 -7.54 0.19 -18.33
C GLU A 49 -6.65 -0.30 -19.49
N LYS A 50 -5.57 0.41 -19.79
CA LYS A 50 -4.65 0.09 -20.89
C LYS A 50 -3.52 -0.88 -20.53
N LEU A 51 -3.36 -1.22 -19.25
CA LEU A 51 -2.25 -2.08 -18.85
C LEU A 51 -2.56 -3.54 -19.23
N ARG A 52 -1.51 -4.35 -19.46
CA ARG A 52 -1.72 -5.78 -19.78
C ARG A 52 -2.12 -6.57 -18.54
N ARG A 53 -1.37 -6.40 -17.44
CA ARG A 53 -1.60 -7.12 -16.18
C ARG A 53 -2.65 -6.37 -15.35
N ALA A 54 -3.80 -7.00 -15.10
CA ALA A 54 -4.80 -6.53 -14.15
C ALA A 54 -5.34 -5.10 -14.42
N PRO A 55 -5.77 -4.83 -15.68
CA PRO A 55 -6.31 -3.50 -15.97
C PRO A 55 -7.55 -3.21 -15.14
N GLY A 56 -7.68 -1.99 -14.66
CA GLY A 56 -8.87 -1.57 -13.89
C GLY A 56 -8.96 -2.05 -12.42
N GLU A 57 -7.95 -2.75 -11.93
CA GLU A 57 -8.00 -3.30 -10.55
C GLU A 57 -7.27 -2.44 -9.52
N VAL A 58 -7.63 -2.64 -8.26
CA VAL A 58 -7.08 -1.88 -7.13
C VAL A 58 -5.75 -2.51 -6.72
N CYS A 59 -4.71 -1.69 -6.56
CA CYS A 59 -3.42 -2.14 -6.03
C CYS A 59 -2.73 -0.99 -5.32
N PHE A 60 -1.63 -1.26 -4.61
CA PHE A 60 -0.80 -0.22 -4.06
C PHE A 60 0.19 0.30 -5.12
N PRO A 61 0.72 1.51 -4.91
CA PRO A 61 1.79 1.98 -5.80
C PRO A 61 3.03 1.05 -5.68
N GLY A 62 3.76 0.88 -6.76
CA GLY A 62 4.99 0.06 -6.71
C GLY A 62 5.36 -0.40 -8.11
N GLY A 63 6.36 -1.27 -8.17
CA GLY A 63 6.78 -1.85 -9.44
C GLY A 63 8.11 -2.54 -9.40
N LYS A 64 8.71 -2.75 -10.57
CA LYS A 64 9.93 -3.58 -10.73
C LYS A 64 11.22 -2.86 -10.40
N ARG A 65 12.13 -3.47 -9.64
CA ARG A 65 13.40 -2.84 -9.34
C ARG A 65 14.17 -2.61 -10.66
N ASP A 66 14.94 -1.53 -10.71
CA ASP A 66 15.80 -1.28 -11.86
C ASP A 66 17.20 -1.00 -11.42
N PRO A 67 18.16 -0.93 -12.39
CA PRO A 67 19.56 -0.78 -11.97
C PRO A 67 19.89 0.49 -11.21
N THR A 68 19.10 1.54 -11.34
CA THR A 68 19.38 2.78 -10.59
C THR A 68 19.07 2.71 -9.08
N ASP A 69 18.17 1.79 -8.69
CA ASP A 69 17.71 1.74 -7.28
C ASP A 69 18.84 1.36 -6.35
N MET A 70 19.13 2.19 -5.35
CA MET A 70 20.12 1.85 -4.29
C MET A 70 19.71 0.62 -3.45
N ASP A 71 18.41 0.45 -3.21
CA ASP A 71 17.88 -0.65 -2.39
C ASP A 71 16.40 -0.84 -2.73
N ASP A 72 15.73 -1.83 -2.12
CA ASP A 72 14.30 -2.10 -2.43
C ASP A 72 13.34 -0.96 -2.02
N ALA A 73 13.68 -0.23 -0.99
CA ALA A 73 12.84 0.95 -0.57
C ALA A 73 12.88 2.04 -1.69
N ALA A 74 14.07 2.25 -2.25
CA ALA A 74 14.23 3.16 -3.40
C ALA A 74 13.32 2.83 -4.58
N THR A 75 13.16 1.55 -4.91
CA THR A 75 12.20 1.11 -5.92
C THR A 75 10.78 1.57 -5.64
N ALA A 76 10.34 1.33 -4.39
CA ALA A 76 8.98 1.69 -4.03
C ALA A 76 8.79 3.26 -4.17
N LEU A 77 9.73 4.05 -3.70
CA LEU A 77 9.62 5.52 -3.79
C LEU A 77 9.69 6.04 -5.24
N ARG A 78 10.60 5.47 -6.06
CA ARG A 78 10.69 5.86 -7.48
C ARG A 78 9.41 5.64 -8.22
N GLU A 79 8.82 4.46 -8.01
CA GLU A 79 7.58 4.07 -8.63
C GLU A 79 6.37 4.90 -8.15
N ALA A 80 6.30 5.14 -6.84
CA ALA A 80 5.24 6.01 -6.30
C ALA A 80 5.32 7.44 -6.90
N GLN A 81 6.53 7.95 -7.07
CA GLN A 81 6.69 9.32 -7.66
C GLN A 81 6.11 9.36 -9.08
N GLU A 82 6.46 8.34 -9.86
CA GLU A 82 6.06 8.25 -11.25
C GLU A 82 4.57 8.01 -11.40
N GLU A 83 3.94 7.20 -10.52
CA GLU A 83 2.55 6.87 -10.64
C GLU A 83 1.58 7.91 -10.08
N VAL A 84 1.90 8.47 -8.92
CA VAL A 84 0.91 9.40 -8.27
C VAL A 84 1.49 10.78 -7.86
N GLY A 85 2.72 11.04 -8.25
CA GLY A 85 3.42 12.30 -7.99
C GLY A 85 3.94 12.53 -6.58
N LEU A 86 4.02 11.45 -5.77
CA LEU A 86 4.60 11.53 -4.44
C LEU A 86 6.10 11.74 -4.44
N ARG A 87 6.56 12.85 -3.87
CA ARG A 87 7.97 13.16 -3.80
C ARG A 87 8.63 12.58 -2.54
N HYP A 88 9.93 12.28 -2.60
CA HYP A 88 10.62 11.65 -1.46
C HYP A 88 10.62 12.39 -0.16
O HYP A 88 10.46 11.75 0.90
CB HYP A 88 12.00 11.23 -1.94
CG HYP A 88 11.79 11.05 -3.43
CD HYP A 88 10.74 12.09 -3.82
OD1 HYP A 88 11.24 9.75 -3.76
N HIS A 89 10.69 13.71 -0.20
CA HIS A 89 10.55 14.50 1.00
C HIS A 89 9.11 14.44 1.58
N GLN A 90 8.14 13.92 0.82
CA GLN A 90 6.76 13.79 1.32
C GLN A 90 6.42 12.42 1.96
N VAL A 91 7.41 11.54 2.06
CA VAL A 91 7.24 10.22 2.67
C VAL A 91 8.39 9.82 3.64
N GLU A 92 8.01 9.30 4.82
CA GLU A 92 8.96 8.71 5.74
C GLU A 92 8.70 7.18 5.72
N VAL A 93 9.65 6.43 5.22
CA VAL A 93 9.58 4.98 5.22
C VAL A 93 9.87 4.50 6.62
N VAL A 94 8.92 3.75 7.20
CA VAL A 94 8.93 3.39 8.62
C VAL A 94 9.42 1.95 8.78
N CSO A 95 9.03 1.06 7.86
CA CSO A 95 9.51 -0.32 7.89
CB CSO A 95 8.85 -0.98 9.06
SG CSO A 95 7.13 -1.12 8.77
C CSO A 95 9.24 -1.12 6.68
O CSO A 95 8.52 -0.72 5.75
OD CSO A 95 7.22 -2.78 9.22
N CYS A 96 9.87 -2.27 6.68
CA CYS A 96 9.73 -3.30 5.66
C CYS A 96 8.97 -4.49 6.27
N LEU A 97 7.75 -4.80 5.79
CA LEU A 97 6.99 -5.95 6.23
C LEU A 97 7.40 -7.23 5.50
N VAL A 98 6.85 -8.35 5.96
CA VAL A 98 7.11 -9.64 5.32
C VAL A 98 6.87 -9.66 3.81
N PRO A 99 7.86 -10.15 3.06
CA PRO A 99 7.71 -10.24 1.60
C PRO A 99 6.84 -11.40 1.16
N CYS A 100 6.28 -11.29 -0.05
CA CYS A 100 5.28 -12.17 -0.66
C CYS A 100 6.07 -12.95 -1.76
N LEU A 101 6.01 -14.29 -1.74
CA LEU A 101 6.62 -15.13 -2.79
C LEU A 101 5.57 -15.44 -3.85
N ILE A 102 5.87 -15.26 -5.13
CA ILE A 102 4.91 -15.65 -6.16
C ILE A 102 5.56 -16.35 -7.35
N ASP A 103 4.84 -17.31 -7.94
CA ASP A 103 5.24 -17.99 -9.20
C ASP A 103 6.63 -18.65 -9.18
N THR A 104 7.10 -19.01 -7.99
CA THR A 104 8.40 -19.67 -7.74
C THR A 104 9.64 -18.83 -7.94
N ASP A 105 9.58 -17.72 -8.70
CA ASP A 105 10.80 -16.98 -9.03
C ASP A 105 10.76 -15.45 -8.72
N THR A 106 9.73 -15.00 -7.99
CA THR A 106 9.44 -13.54 -7.81
C THR A 106 9.17 -13.23 -6.33
N LEU A 107 9.75 -12.14 -5.86
CA LEU A 107 9.67 -11.73 -4.49
C LEU A 107 9.22 -10.24 -4.46
N ILE A 108 8.12 -9.98 -3.78
CA ILE A 108 7.51 -8.63 -3.65
C ILE A 108 7.67 -8.13 -2.24
N THR A 109 8.42 -7.02 -2.06
CA THR A 109 8.76 -6.49 -0.78
C THR A 109 7.88 -5.24 -0.47
N PRO A 110 7.05 -5.30 0.62
CA PRO A 110 6.22 -4.16 1.02
C PRO A 110 6.84 -3.25 2.08
N PHE A 111 6.80 -1.92 1.81
CA PHE A 111 7.26 -0.91 2.73
C PHE A 111 6.10 -0.04 3.19
N VAL A 112 6.04 0.26 4.49
CA VAL A 112 4.96 1.16 5.01
C VAL A 112 5.55 2.56 5.09
N GLY A 113 4.84 3.54 4.52
CA GLY A 113 5.29 4.94 4.53
C GLY A 113 4.25 5.89 5.08
N LEU A 114 4.68 6.82 5.96
CA LEU A 114 3.84 7.93 6.47
C LEU A 114 3.91 9.12 5.54
N ILE A 115 2.75 9.58 5.06
CA ILE A 115 2.64 10.59 3.99
C ILE A 115 2.37 11.98 4.59
N ASP A 116 3.06 12.98 4.07
CA ASP A 116 2.86 14.40 4.47
C ASP A 116 1.44 14.88 4.38
N HIS A 117 0.98 15.60 5.39
CA HIS A 117 -0.42 16.06 5.39
C HIS A 117 -0.79 16.94 4.22
N ASN A 118 0.17 17.62 3.57
CA ASN A 118 -0.16 18.49 2.42
C ASN A 118 -0.02 17.83 1.05
N PHE A 119 0.26 16.53 1.02
CA PHE A 119 0.36 15.84 -0.27
C PHE A 119 -0.97 15.80 -0.95
N GLN A 120 -1.00 16.08 -2.25
CA GLN A 120 -2.19 15.89 -3.06
C GLN A 120 -1.84 15.10 -4.34
N ALA A 121 -2.56 14.02 -4.59
CA ALA A 121 -2.19 13.07 -5.65
C ALA A 121 -2.39 13.67 -7.02
N GLN A 122 -1.42 13.41 -7.90
CA GLN A 122 -1.48 13.76 -9.31
C GLN A 122 -1.35 12.47 -10.13
N PRO A 123 -2.43 11.73 -10.33
CA PRO A 123 -2.29 10.44 -11.02
C PRO A 123 -1.71 10.57 -12.44
N ASN A 124 -0.67 9.81 -12.77
CA ASN A 124 -0.26 9.63 -14.17
C ASN A 124 -1.27 8.73 -14.95
N PRO A 125 -2.07 9.33 -15.88
CA PRO A 125 -3.12 8.56 -16.57
C PRO A 125 -2.70 7.39 -17.45
N ALA A 126 -1.43 7.29 -17.81
CA ALA A 126 -0.96 6.09 -18.53
C ALA A 126 -0.86 4.87 -17.60
N GLU A 127 -0.75 5.12 -16.29
CA GLU A 127 -0.58 4.02 -15.30
C GLU A 127 -1.74 3.89 -14.32
N VAL A 128 -2.36 5.01 -13.95
CA VAL A 128 -3.30 5.09 -12.82
C VAL A 128 -4.59 5.81 -13.29
N LYS A 129 -5.72 5.12 -13.18
CA LYS A 129 -7.05 5.68 -13.52
C LYS A 129 -7.66 6.51 -12.39
N ASP A 130 -7.35 6.16 -11.13
CA ASP A 130 -7.98 6.78 -9.96
C ASP A 130 -7.10 6.47 -8.72
N VAL A 131 -7.15 7.36 -7.74
CA VAL A 131 -6.48 7.25 -6.41
C VAL A 131 -7.57 7.46 -5.37
N PHE A 132 -7.65 6.64 -4.32
CA PHE A 132 -8.63 6.84 -3.23
C PHE A 132 -8.10 6.41 -1.85
N LEU A 133 -8.74 6.90 -0.79
CA LEU A 133 -8.37 6.56 0.57
C LEU A 133 -9.38 5.63 1.18
N VAL A 134 -8.91 4.69 2.03
CA VAL A 134 -9.81 3.89 2.86
C VAL A 134 -9.39 4.04 4.32
N PRO A 135 -10.35 4.34 5.23
CA PRO A 135 -9.93 4.33 6.62
C PRO A 135 -9.39 2.96 7.06
N LEU A 136 -8.27 2.97 7.79
CA LEU A 136 -7.63 1.74 8.24
C LEU A 136 -8.59 0.81 9.03
N ALA A 137 -9.45 1.41 9.86
CA ALA A 137 -10.45 0.66 10.62
C ALA A 137 -11.45 -0.13 9.80
N TYR A 138 -11.70 0.26 8.56
CA TYR A 138 -12.57 -0.51 7.68
C TYR A 138 -12.15 -2.01 7.61
N PHE A 139 -10.83 -2.22 7.58
CA PHE A 139 -10.28 -3.57 7.36
C PHE A 139 -10.50 -4.52 8.57
N LEU A 140 -10.91 -3.97 9.72
CA LEU A 140 -11.33 -4.82 10.85
C LEU A 140 -12.76 -5.28 10.73
N HIS A 141 -13.60 -4.58 9.98
CA HIS A 141 -15.02 -4.97 9.79
C HIS A 141 -15.42 -4.70 8.36
N PRO A 142 -14.78 -5.42 7.41
CA PRO A 142 -15.03 -5.20 5.99
C PRO A 142 -16.36 -5.74 5.50
N GLN A 143 -16.88 -5.13 4.44
CA GLN A 143 -18.05 -5.69 3.74
C GLN A 143 -17.53 -6.73 2.74
N VAL A 144 -17.75 -8.00 3.05
CA VAL A 144 -17.17 -9.12 2.31
C VAL A 144 -18.16 -9.74 1.32
N HIS A 145 -17.67 -10.02 0.11
CA HIS A 145 -18.43 -10.68 -0.96
C HIS A 145 -17.62 -11.91 -1.35
N ASP A 146 -18.26 -13.07 -1.43
CA ASP A 146 -17.59 -14.34 -1.78
C ASP A 146 -17.71 -14.68 -3.28
N GLN A 147 -16.59 -14.68 -4.02
CA GLN A 147 -16.58 -14.92 -5.48
C GLN A 147 -16.21 -16.36 -5.85
N ILE A 158 -13.81 -20.77 -2.69
CA ILE A 158 -14.46 -19.51 -2.34
C ILE A 158 -13.41 -18.42 -2.02
N ASN A 159 -13.47 -17.30 -2.75
CA ASN A 159 -12.51 -16.20 -2.66
C ASN A 159 -13.14 -14.97 -1.99
N HIS A 160 -12.50 -14.45 -0.93
CA HIS A 160 -13.00 -13.28 -0.18
C HIS A 160 -12.63 -11.94 -0.84
N ILE A 161 -13.63 -11.19 -1.30
CA ILE A 161 -13.47 -9.86 -1.90
C ILE A 161 -14.07 -8.80 -0.96
N PHE A 162 -13.37 -7.68 -0.76
CA PHE A 162 -13.89 -6.56 0.05
C PHE A 162 -14.52 -5.54 -0.89
N GLU A 163 -15.68 -4.98 -0.51
CA GLU A 163 -16.33 -3.88 -1.27
C GLU A 163 -16.34 -2.65 -0.39
N TYR A 164 -15.76 -1.56 -0.87
CA TYR A 164 -15.70 -0.32 -0.09
C TYR A 164 -16.39 0.75 -0.88
N THR A 165 -17.38 1.41 -0.27
CA THR A 165 -18.07 2.55 -0.87
C THR A 165 -17.62 3.85 -0.25
N ASN A 166 -17.08 4.77 -1.05
CA ASN A 166 -16.61 6.05 -0.53
C ASN A 166 -17.84 6.94 -0.26
N PRO A 167 -18.07 7.37 1.01
CA PRO A 167 -19.30 8.13 1.34
C PRO A 167 -19.30 9.55 0.72
N GLU A 168 -18.12 10.03 0.32
CA GLU A 168 -18.00 11.29 -0.45
C GLU A 168 -18.77 11.34 -1.77
N ASP A 169 -18.65 10.28 -2.59
CA ASP A 169 -19.31 10.16 -3.91
C ASP A 169 -20.15 8.91 -4.22
N GLY A 170 -20.25 7.97 -3.30
CA GLY A 170 -21.03 6.72 -3.48
C GLY A 170 -20.44 5.65 -4.41
N VAL A 171 -19.20 5.85 -4.83
CA VAL A 171 -18.49 4.90 -5.69
C VAL A 171 -17.95 3.71 -4.89
N THR A 172 -18.25 2.52 -5.39
CA THR A 172 -17.80 1.28 -4.77
C THR A 172 -16.55 0.73 -5.46
N TYR A 173 -15.54 0.39 -4.67
CA TYR A 173 -14.34 -0.27 -5.16
C TYR A 173 -14.23 -1.71 -4.62
N GLN A 174 -13.68 -2.62 -5.46
CA GLN A 174 -13.33 -3.99 -5.02
C GLN A 174 -11.85 -4.08 -4.63
N ILE A 175 -11.57 -4.63 -3.44
CA ILE A 175 -10.19 -4.83 -2.99
C ILE A 175 -10.01 -6.34 -2.72
N LYS A 176 -9.02 -6.95 -3.36
CA LYS A 176 -8.82 -8.38 -3.19
C LYS A 176 -7.37 -8.82 -3.31
N GLY A 177 -7.12 -10.12 -3.10
CA GLY A 177 -5.77 -10.67 -3.28
C GLY A 177 -4.71 -10.17 -2.30
N MET A 178 -3.47 -10.08 -2.79
CA MET A 178 -2.35 -9.61 -1.97
C MET A 178 -2.62 -8.21 -1.38
N THR A 179 -3.23 -7.34 -2.19
CA THR A 179 -3.57 -5.96 -1.75
C THR A 179 -4.47 -5.99 -0.50
N ALA A 180 -5.55 -6.76 -0.56
CA ALA A 180 -6.44 -6.94 0.62
C ALA A 180 -5.72 -7.55 1.81
N ASN A 181 -4.86 -8.56 1.54
CA ASN A 181 -4.12 -9.21 2.62
C ASN A 181 -3.19 -8.24 3.35
N LEU A 182 -2.47 -7.42 2.60
CA LEU A 182 -1.54 -6.44 3.22
C LEU A 182 -2.29 -5.34 3.99
N ALA A 183 -3.45 -4.95 3.47
CA ALA A 183 -4.28 -3.92 4.16
C ALA A 183 -4.71 -4.41 5.55
N VAL A 184 -5.19 -5.66 5.62
CA VAL A 184 -5.62 -6.24 6.90
C VAL A 184 -4.45 -6.36 7.84
N LEU A 185 -3.30 -6.79 7.32
CA LEU A 185 -2.11 -6.89 8.17
C LEU A 185 -1.74 -5.55 8.84
N VAL A 186 -1.65 -4.49 8.04
CA VAL A 186 -1.37 -3.15 8.56
C VAL A 186 -2.42 -2.72 9.62
N ALA A 187 -3.71 -2.93 9.35
CA ALA A 187 -4.77 -2.60 10.31
C ALA A 187 -4.59 -3.32 11.65
N PHE A 188 -4.29 -4.62 11.59
CA PHE A 188 -4.04 -5.39 12.82
C PHE A 188 -2.84 -4.82 13.60
N ILE A 189 -1.70 -4.58 12.91
CA ILE A 189 -0.49 -4.13 13.59
C ILE A 189 -0.78 -2.83 14.37
N ILE A 190 -1.46 -1.90 13.70
CA ILE A 190 -1.62 -0.51 14.22
C ILE A 190 -2.79 -0.39 15.24
N LEU A 191 -3.87 -1.11 15.03
CA LEU A 191 -5.11 -0.91 15.79
C LEU A 191 -5.42 -1.97 16.85
N GLU A 192 -4.78 -3.14 16.78
CA GLU A 192 -5.08 -4.19 17.81
C GLU A 192 -4.75 -3.67 19.23
N LYS A 193 -5.56 -4.10 20.20
CA LYS A 193 -5.33 -3.80 21.62
C LYS A 193 -5.09 -2.32 21.96
N LYS A 194 -6.10 -1.50 21.75
CA LYS A 194 -6.05 -0.05 21.98
C LYS A 194 -7.20 0.39 22.88
N PRO A 195 -6.89 1.15 23.97
CA PRO A 195 -7.93 1.90 24.72
C PRO A 195 -8.68 2.88 23.80
N THR A 196 -9.93 3.22 24.14
CA THR A 196 -10.82 3.97 23.22
C THR A 196 -10.95 5.49 23.51
C ACT B . -12.33 -1.78 -9.05
O ACT B . -11.63 -0.74 -9.23
OXT ACT B . -13.24 -1.81 -8.20
CH3 ACT B . -12.06 -3.02 -9.87
C ACT C . 10.91 12.45 5.42
O ACT C . 11.47 12.10 4.36
OXT ACT C . 9.78 13.00 5.40
CH3 ACT C . 11.59 12.19 6.75
S DMS D . 2.16 17.26 -4.66
O DMS D . 1.55 17.19 -3.28
C1 DMS D . 3.84 16.89 -4.61
C2 DMS D . 1.80 15.94 -5.70
S DMS E . 3.79 16.19 8.41
O DMS E . 2.49 15.66 7.83
C1 DMS E . 3.50 17.36 9.61
C2 DMS E . 4.54 15.02 9.40
N1 H4D F . 3.67 -1.07 -14.07
C4 H4D F . 1.39 0.03 -9.90
C5 H4D F . 0.17 0.74 -9.80
C6 H4D F . -0.27 1.24 -10.97
C7 H4D F . 3.62 -1.54 -15.41
C8 H4D F . 2.59 -2.33 -15.89
C10 H4D F . 3.61 -2.35 -18.06
C13 H4D F . 4.65 -1.15 -16.27
O1 H4D F . 2.12 -2.39 -13.07
C1 H4D F . 2.91 -1.46 -13.02
C2 H4D F . 3.09 -0.64 -11.75
C3 H4D F . 1.84 0.01 -11.22
S1 H4D F . 0.81 0.93 -12.23
C9 H4D F . 2.58 -2.76 -17.22
B1 H4D F . 1.39 -3.62 -17.74
O2 H4D F . 0.94 -3.45 -19.01
O3 H4D F . 0.76 -4.52 -16.96
C11 H4D F . 4.65 -1.57 -17.59
C12 H4D F . 5.75 -1.13 -18.53
O4 H4D F . 5.42 -0.78 -19.67
O5 H4D F . 6.93 -1.10 -18.10
N1 H4D G . 4.60 -4.63 -13.41
C4 H4D G . 3.90 -5.54 -8.92
C5 H4D G . 4.01 -4.69 -7.80
C6 H4D G . 3.11 -3.71 -7.82
C7 H4D G . 5.66 -4.11 -14.18
C8 H4D G . 5.93 -4.70 -15.41
C10 H4D G . 7.74 -3.14 -15.78
C13 H4D G . 6.45 -3.04 -13.76
O1 H4D G . 5.04 -3.62 -11.44
C1 H4D G . 4.38 -4.41 -12.09
C2 H4D G . 3.29 -5.22 -11.42
C3 H4D G . 3.29 -4.86 -9.97
S1 H4D G . 2.58 -3.41 -9.41
C9 H4D G . 6.97 -4.22 -16.24
B1 H4D G . 7.25 -4.89 -17.62
O2 H4D G . 8.47 -5.45 -17.85
O3 H4D G . 6.29 -4.94 -18.59
C11 H4D G . 7.48 -2.54 -14.56
C12 H4D G . 8.30 -1.39 -14.07
O4 H4D G . 9.22 -0.93 -14.82
O5 H4D G . 8.04 -0.94 -12.94
#